data_7TNI
#
_entry.id   7TNI
#
_cell.length_a   59.133
_cell.length_b   44.579
_cell.length_c   94.797
_cell.angle_alpha   90.000
_cell.angle_beta   107.156
_cell.angle_gamma   90.000
#
_symmetry.space_group_name_H-M   'P 1 21 1'
#
loop_
_entity.id
_entity.type
_entity.pdbx_description
1 polymer Cadherin
2 non-polymer 'MAGNESIUM ION'
3 water water
#
_entity_poly.entity_id   1
_entity_poly.type   'polypeptide(L)'
_entity_poly.pdbx_seq_one_letter_code
;MNTIHHHHHHNTSGSGGGGGRLVPRGSMSENLYFQGSMDIEFVDPRPVFVRELYTAGISTADSIGRELLRLHATQSEGSA
ITYAIDWDTMVVDPSLEAVRQSAFVLNAQTGVLTLNIQPTATMHGLFKFEVTATDTAGAQDRTDVTVYVVSSQNR
;
_entity_poly.pdbx_strand_id   A,B,C,D
#
loop_
_chem_comp.id
_chem_comp.type
_chem_comp.name
_chem_comp.formula
MG non-polymer 'MAGNESIUM ION' 'Mg 2'
#
# COMPACT_ATOMS: atom_id res chain seq x y z
N ASP A 44 -18.66 13.46 -13.06
CA ASP A 44 -17.21 13.88 -13.09
C ASP A 44 -16.41 13.12 -12.02
N PRO A 45 -16.11 11.80 -12.23
CA PRO A 45 -15.40 11.01 -11.23
C PRO A 45 -13.93 11.43 -11.08
N ARG A 46 -13.60 11.96 -9.91
CA ARG A 46 -12.27 12.53 -9.60
C ARG A 46 -12.09 12.60 -8.09
N PRO A 47 -10.85 12.60 -7.59
CA PRO A 47 -10.62 12.68 -6.16
C PRO A 47 -11.21 14.00 -5.61
N VAL A 48 -11.75 13.93 -4.39
CA VAL A 48 -12.26 15.07 -3.59
C VAL A 48 -11.63 15.01 -2.19
N PHE A 49 -10.72 15.94 -1.91
CA PHE A 49 -10.10 16.08 -0.57
C PHE A 49 -11.22 16.38 0.43
N VAL A 50 -11.18 15.80 1.61
CA VAL A 50 -12.14 16.04 2.71
C VAL A 50 -12.01 17.51 3.14
N ARG A 51 -10.82 18.10 3.16
CA ARG A 51 -10.57 19.50 3.63
C ARG A 51 -9.73 20.25 2.59
N GLU A 52 -9.92 21.56 2.47
CA GLU A 52 -9.17 22.44 1.53
C GLU A 52 -7.84 22.91 2.18
N LEU A 53 -7.71 22.77 3.50
CA LEU A 53 -6.50 23.21 4.23
C LEU A 53 -6.30 22.26 5.40
N TYR A 54 -5.07 21.76 5.57
CA TYR A 54 -4.65 20.92 6.72
C TYR A 54 -3.53 21.70 7.38
N THR A 55 -3.48 21.68 8.68
CA THR A 55 -2.44 22.44 9.45
C THR A 55 -1.94 21.56 10.60
N ALA A 56 -0.72 21.84 11.05
CA ALA A 56 -0.09 21.10 12.16
C ALA A 56 1.03 21.99 12.68
N GLY A 57 1.41 21.80 13.93
CA GLY A 57 2.53 22.51 14.56
C GLY A 57 3.59 21.52 14.95
N ILE A 58 4.85 21.88 14.77
CA ILE A 58 6.00 21.05 15.24
C ILE A 58 6.85 21.95 16.15
N SER A 59 7.55 21.33 17.09
CA SER A 59 8.49 22.06 17.98
C SER A 59 9.72 21.17 18.25
N THR A 60 10.67 21.76 19.00
CA THR A 60 11.86 21.04 19.49
C THR A 60 11.42 19.88 20.39
N ALA A 61 10.21 19.86 20.96
CA ALA A 61 9.73 18.74 21.79
C ALA A 61 9.43 17.50 20.93
N ASP A 62 9.37 17.61 19.60
CA ASP A 62 8.92 16.45 18.79
C ASP A 62 10.14 15.62 18.41
N SER A 63 9.87 14.37 18.08
CA SER A 63 10.85 13.34 17.61
C SER A 63 10.50 12.88 16.20
N ILE A 64 11.51 12.50 15.42
CA ILE A 64 11.36 11.84 14.10
C ILE A 64 10.22 10.83 14.19
N GLY A 65 9.34 10.79 13.19
CA GLY A 65 8.32 9.73 13.09
C GLY A 65 6.96 10.20 13.56
N ARG A 66 6.90 11.31 14.31
CA ARG A 66 5.60 11.88 14.77
C ARG A 66 4.64 11.98 13.56
N GLU A 67 3.45 11.41 13.66
CA GLU A 67 2.38 11.63 12.66
C GLU A 67 1.84 13.04 12.86
N LEU A 68 1.95 13.91 11.87
CA LEU A 68 1.48 15.31 11.91
C LEU A 68 0.04 15.40 11.46
N LEU A 69 -0.32 14.76 10.35
CA LEU A 69 -1.73 14.85 9.91
C LEU A 69 -2.01 13.73 8.92
N ARG A 70 -3.27 13.50 8.61
CA ARG A 70 -3.68 12.40 7.71
CA ARG A 70 -3.71 12.38 7.75
C ARG A 70 -4.56 13.00 6.62
N LEU A 71 -4.03 13.08 5.42
CA LEU A 71 -4.71 13.68 4.26
C LEU A 71 -5.66 12.60 3.76
N HIS A 72 -6.83 12.94 3.26
CA HIS A 72 -7.80 11.94 2.75
C HIS A 72 -8.60 12.57 1.61
N ALA A 73 -8.68 11.86 0.49
CA ALA A 73 -9.61 12.19 -0.62
C ALA A 73 -10.48 10.97 -0.91
N THR A 74 -11.75 11.22 -1.20
CA THR A 74 -12.70 10.19 -1.67
C THR A 74 -12.80 10.23 -3.21
N GLN A 75 -13.25 9.12 -3.78
CA GLN A 75 -13.40 8.91 -5.23
C GLN A 75 -14.68 8.10 -5.41
N SER A 76 -15.69 8.68 -6.07
CA SER A 76 -17.07 8.13 -6.24
C SER A 76 -17.07 6.74 -6.91
N GLU A 77 -16.01 6.34 -7.62
CA GLU A 77 -16.00 5.02 -8.31
C GLU A 77 -15.06 4.06 -7.57
N GLY A 78 -14.53 4.44 -6.41
CA GLY A 78 -13.64 3.57 -5.62
C GLY A 78 -12.25 3.42 -6.22
N SER A 79 -11.86 4.29 -7.14
CA SER A 79 -10.50 4.24 -7.75
C SER A 79 -9.48 4.62 -6.66
N ALA A 80 -8.38 3.87 -6.55
CA ALA A 80 -7.38 4.05 -5.48
C ALA A 80 -6.72 5.42 -5.65
N ILE A 81 -6.35 6.05 -4.53
CA ILE A 81 -5.78 7.43 -4.49
C ILE A 81 -4.31 7.35 -4.10
N THR A 82 -3.47 8.08 -4.80
CA THR A 82 -2.06 8.34 -4.46
C THR A 82 -1.96 9.80 -3.97
N TYR A 83 -1.25 10.02 -2.86
CA TYR A 83 -1.04 11.35 -2.27
C TYR A 83 0.42 11.72 -2.48
N ALA A 84 0.67 12.95 -2.95
CA ALA A 84 2.05 13.40 -3.21
C ALA A 84 2.19 14.89 -2.88
N ILE A 85 3.33 15.25 -2.36
CA ILE A 85 3.69 16.64 -2.11
C ILE A 85 4.09 17.21 -3.49
N ASP A 86 3.54 18.36 -3.83
CA ASP A 86 3.99 19.13 -5.04
C ASP A 86 5.17 19.97 -4.61
N TRP A 87 6.37 19.48 -4.87
CA TRP A 87 7.62 20.14 -4.42
C TRP A 87 7.80 21.53 -5.09
N ASP A 88 7.10 21.80 -6.20
CA ASP A 88 7.09 23.14 -6.86
C ASP A 88 6.34 24.17 -6.00
N THR A 89 5.55 23.77 -5.00
CA THR A 89 4.71 24.66 -4.17
C THR A 89 5.34 24.87 -2.80
N MET A 90 6.49 24.25 -2.53
CA MET A 90 7.03 24.23 -1.14
C MET A 90 7.59 25.63 -0.91
N VAL A 91 7.05 26.36 0.06
CA VAL A 91 7.54 27.71 0.48
C VAL A 91 7.90 27.64 1.96
N VAL A 92 9.12 28.04 2.34
CA VAL A 92 9.63 27.87 3.73
C VAL A 92 10.34 29.11 4.23
N ASP A 93 10.21 29.38 5.52
CA ASP A 93 11.06 30.34 6.25
C ASP A 93 12.52 30.13 5.85
N PRO A 94 13.32 31.21 5.67
CA PRO A 94 14.75 31.06 5.37
C PRO A 94 15.50 30.12 6.34
N SER A 95 15.18 30.14 7.63
CA SER A 95 15.79 29.24 8.66
C SER A 95 15.54 27.75 8.36
N LEU A 96 14.58 27.43 7.50
CA LEU A 96 14.18 26.03 7.19
C LEU A 96 14.75 25.58 5.83
N GLU A 97 15.48 26.46 5.14
CA GLU A 97 15.99 26.19 3.77
C GLU A 97 16.68 24.81 3.72
N ALA A 98 17.46 24.43 4.75
CA ALA A 98 18.29 23.19 4.74
C ALA A 98 17.38 21.97 4.77
N VAL A 99 16.18 22.08 5.34
CA VAL A 99 15.25 20.94 5.54
C VAL A 99 14.01 21.12 4.66
N ARG A 100 14.08 22.00 3.65
CA ARG A 100 12.99 22.29 2.70
C ARG A 100 12.49 20.99 2.06
N GLN A 101 13.40 20.06 1.76
CA GLN A 101 13.05 18.81 1.03
C GLN A 101 12.97 17.60 1.96
N SER A 102 13.46 17.69 3.20
CA SER A 102 13.64 16.49 4.06
C SER A 102 12.78 16.54 5.34
N ALA A 103 12.06 17.64 5.59
CA ALA A 103 11.32 17.87 6.85
C ALA A 103 10.19 16.86 7.03
N PHE A 104 9.61 16.40 5.94
CA PHE A 104 8.40 15.56 6.01
C PHE A 104 8.50 14.38 5.06
N VAL A 105 7.81 13.32 5.40
CA VAL A 105 7.49 12.28 4.40
C VAL A 105 5.97 12.14 4.36
N LEU A 106 5.43 12.11 3.16
CA LEU A 106 4.01 11.79 2.93
C LEU A 106 3.86 10.37 2.40
N ASN A 107 3.19 9.48 3.17
CA ASN A 107 2.94 8.12 2.65
C ASN A 107 1.91 8.19 1.55
N ALA A 108 2.27 7.76 0.37
CA ALA A 108 1.47 7.93 -0.86
C ALA A 108 0.14 7.20 -0.77
N GLN A 109 0.05 6.10 -0.01
CA GLN A 109 -1.20 5.31 0.10
CA GLN A 109 -1.19 5.28 0.10
C GLN A 109 -2.04 5.75 1.31
N THR A 110 -1.40 6.01 2.44
CA THR A 110 -2.16 6.32 3.71
C THR A 110 -2.52 7.80 3.83
N GLY A 111 -1.76 8.68 3.14
CA GLY A 111 -1.97 10.14 3.27
C GLY A 111 -1.42 10.64 4.59
N VAL A 112 -0.71 9.79 5.34
CA VAL A 112 -0.12 10.21 6.62
C VAL A 112 1.17 10.98 6.39
N LEU A 113 1.23 12.20 6.95
CA LEU A 113 2.38 13.09 6.86
C LEU A 113 3.18 12.93 8.14
N THR A 114 4.45 12.52 8.04
CA THR A 114 5.32 12.30 9.23
C THR A 114 6.45 13.30 9.28
N LEU A 115 6.80 13.69 10.49
CA LEU A 115 7.96 14.55 10.73
C LEU A 115 9.20 13.68 10.51
N ASN A 116 10.11 14.15 9.67
CA ASN A 116 11.28 13.35 9.22
C ASN A 116 12.58 14.00 9.72
N ILE A 117 12.55 15.08 10.50
CA ILE A 117 13.76 15.75 11.08
C ILE A 117 13.52 16.04 12.55
N GLN A 118 14.58 16.32 13.31
CA GLN A 118 14.47 16.76 14.73
C GLN A 118 14.45 18.28 14.69
N PRO A 119 13.31 18.97 14.95
CA PRO A 119 13.33 20.43 14.94
C PRO A 119 14.34 20.93 15.99
N THR A 120 15.08 21.99 15.65
CA THR A 120 16.13 22.62 16.52
C THR A 120 15.73 24.06 16.89
N ALA A 121 16.43 24.65 17.86
CA ALA A 121 16.09 26.00 18.37
C ALA A 121 16.35 27.06 17.31
N THR A 122 17.04 26.75 16.20
CA THR A 122 17.37 27.70 15.11
C THR A 122 16.33 27.67 14.00
N MET A 123 15.34 26.79 14.10
CA MET A 123 14.27 26.66 13.09
C MET A 123 13.07 27.52 13.50
N HIS A 124 12.68 28.44 12.61
CA HIS A 124 11.59 29.42 12.85
C HIS A 124 10.58 29.42 11.69
N GLY A 125 9.36 29.89 11.94
CA GLY A 125 8.44 30.28 10.88
C GLY A 125 7.65 29.09 10.35
N LEU A 126 7.35 29.08 9.06
CA LEU A 126 6.29 28.21 8.45
C LEU A 126 6.87 27.39 7.31
N PHE A 127 6.28 26.22 7.08
CA PHE A 127 6.29 25.51 5.78
C PHE A 127 4.90 25.60 5.18
N LYS A 128 4.79 25.92 3.91
CA LYS A 128 3.48 25.91 3.22
C LYS A 128 3.67 25.12 1.92
N PHE A 129 2.75 24.22 1.62
CA PHE A 129 2.88 23.44 0.38
C PHE A 129 1.53 22.88 -0.05
N GLU A 130 1.48 22.39 -1.27
CA GLU A 130 0.28 21.75 -1.83
C GLU A 130 0.53 20.25 -1.96
N VAL A 131 -0.53 19.51 -1.77
CA VAL A 131 -0.54 18.05 -1.89
C VAL A 131 -1.58 17.72 -2.97
N THR A 132 -1.25 16.79 -3.82
CA THR A 132 -2.16 16.26 -4.86
C THR A 132 -2.69 14.91 -4.42
N ALA A 133 -3.93 14.66 -4.79
CA ALA A 133 -4.51 13.30 -4.74
C ALA A 133 -4.84 12.90 -6.17
N THR A 134 -4.27 11.80 -6.64
CA THR A 134 -4.40 11.35 -8.03
C THR A 134 -5.03 9.95 -8.02
N ASP A 135 -6.07 9.73 -8.80
CA ASP A 135 -6.70 8.39 -8.92
C ASP A 135 -5.94 7.63 -10.04
N THR A 136 -6.24 6.34 -10.21
CA THR A 136 -5.58 5.48 -11.25
C THR A 136 -5.81 6.04 -12.65
N ALA A 137 -6.90 6.76 -12.90
CA ALA A 137 -7.16 7.35 -14.24
C ALA A 137 -6.37 8.66 -14.41
N GLY A 138 -5.64 9.16 -13.41
CA GLY A 138 -4.85 10.42 -13.56
C GLY A 138 -5.59 11.68 -13.15
N ALA A 139 -6.86 11.62 -12.80
CA ALA A 139 -7.66 12.81 -12.34
C ALA A 139 -7.15 13.24 -10.94
N GLN A 140 -7.11 14.55 -10.68
CA GLN A 140 -6.45 15.11 -9.47
C GLN A 140 -7.38 16.00 -8.67
N ASP A 141 -7.12 16.03 -7.35
CA ASP A 141 -7.52 17.19 -6.53
C ASP A 141 -6.26 17.70 -5.84
N ARG A 142 -6.34 18.94 -5.34
CA ARG A 142 -5.22 19.61 -4.61
CA ARG A 142 -5.23 19.60 -4.60
C ARG A 142 -5.74 20.11 -3.26
N THR A 143 -4.88 20.13 -2.25
CA THR A 143 -5.18 20.73 -0.96
C THR A 143 -3.95 21.47 -0.46
N ASP A 144 -4.13 22.39 0.45
CA ASP A 144 -3.02 23.21 1.00
C ASP A 144 -2.66 22.67 2.37
N VAL A 145 -1.39 22.72 2.73
CA VAL A 145 -0.88 22.25 4.04
C VAL A 145 -0.02 23.38 4.60
N THR A 146 -0.23 23.69 5.86
CA THR A 146 0.66 24.61 6.60
C THR A 146 1.20 23.88 7.81
N VAL A 147 2.52 23.92 7.99
CA VAL A 147 3.16 23.43 9.22
C VAL A 147 3.92 24.60 9.85
N TYR A 148 3.48 24.95 11.05
CA TYR A 148 4.04 26.03 11.89
C TYR A 148 5.16 25.43 12.72
N VAL A 149 6.28 26.14 12.80
CA VAL A 149 7.27 25.79 13.83
C VAL A 149 6.87 26.56 15.09
N VAL A 150 6.35 25.84 16.08
CA VAL A 150 5.77 26.46 17.31
C VAL A 150 6.93 26.85 18.27
N SER A 151 6.87 28.05 18.80
CA SER A 151 7.81 28.52 19.84
C SER A 151 7.80 27.59 21.04
N SER A 152 9.00 27.22 21.52
CA SER A 152 9.20 26.50 22.81
C SER A 152 10.34 27.12 23.63
N GLN A 153 10.36 26.84 24.94
CA GLN A 153 11.46 27.16 25.88
C GLN A 153 12.49 26.02 25.82
N ASP B 44 21.03 13.28 -7.42
CA ASP B 44 21.05 12.29 -8.57
C ASP B 44 20.24 11.02 -8.30
N PRO B 45 20.20 10.46 -7.06
CA PRO B 45 19.29 9.37 -6.71
C PRO B 45 17.83 9.53 -7.16
N ARG B 46 17.39 8.64 -8.04
CA ARG B 46 15.98 8.63 -8.53
C ARG B 46 15.55 7.23 -8.91
N PRO B 47 14.24 7.00 -9.09
CA PRO B 47 13.78 5.67 -9.43
C PRO B 47 14.42 5.20 -10.76
N VAL B 48 14.77 3.92 -10.84
CA VAL B 48 15.36 3.22 -12.00
C VAL B 48 14.56 1.94 -12.25
N PHE B 49 13.82 1.93 -13.36
CA PHE B 49 13.03 0.75 -13.76
C PHE B 49 14.02 -0.39 -14.03
N VAL B 50 13.67 -1.61 -13.66
CA VAL B 50 14.49 -2.81 -13.92
C VAL B 50 14.56 -3.04 -15.44
N ARG B 51 13.48 -2.79 -16.20
CA ARG B 51 13.42 -3.05 -17.67
C ARG B 51 12.92 -1.81 -18.40
N GLU B 52 13.39 -1.60 -19.63
CA GLU B 52 13.01 -0.46 -20.50
CA GLU B 52 12.99 -0.43 -20.46
C GLU B 52 11.71 -0.77 -21.25
N LEU B 53 11.34 -2.05 -21.34
CA LEU B 53 10.11 -2.46 -22.02
C LEU B 53 9.53 -3.67 -21.26
N TYR B 54 8.22 -3.69 -21.07
CA TYR B 54 7.46 -4.81 -20.49
C TYR B 54 6.39 -5.10 -21.53
N THR B 55 6.08 -6.33 -21.71
CA THR B 55 5.11 -6.78 -22.71
C THR B 55 4.22 -7.83 -22.07
N ALA B 56 3.01 -7.95 -22.59
CA ALA B 56 2.13 -9.08 -22.23
C ALA B 56 1.12 -9.24 -23.34
N GLY B 57 0.43 -10.36 -23.35
CA GLY B 57 -0.65 -10.63 -24.29
C GLY B 57 -1.95 -10.85 -23.57
N ILE B 58 -3.05 -10.40 -24.18
CA ILE B 58 -4.41 -10.67 -23.65
C ILE B 58 -5.22 -11.31 -24.76
N SER B 59 -6.21 -12.11 -24.41
CA SER B 59 -7.13 -12.75 -25.41
C SER B 59 -8.54 -12.90 -24.82
N THR B 60 -9.46 -13.35 -25.66
CA THR B 60 -10.86 -13.67 -25.28
C THR B 60 -10.84 -14.79 -24.23
N ALA B 61 -9.79 -15.59 -24.08
CA ALA B 61 -9.71 -16.64 -23.04
C ALA B 61 -9.61 -16.01 -21.65
N ASP B 62 -9.26 -14.73 -21.54
CA ASP B 62 -8.93 -14.15 -20.21
C ASP B 62 -10.21 -13.59 -19.60
N SER B 63 -10.18 -13.41 -18.28
CA SER B 63 -11.26 -12.76 -17.48
C SER B 63 -10.70 -11.56 -16.73
N ILE B 64 -11.56 -10.56 -16.51
CA ILE B 64 -11.22 -9.32 -15.74
C ILE B 64 -10.44 -9.71 -14.48
N GLY B 65 -9.38 -8.99 -14.16
CA GLY B 65 -8.58 -9.24 -12.95
C GLY B 65 -7.31 -10.02 -13.23
N ARG B 66 -7.17 -10.61 -14.41
CA ARG B 66 -5.93 -11.38 -14.75
C ARG B 66 -4.71 -10.48 -14.51
N GLU B 67 -3.74 -10.95 -13.75
CA GLU B 67 -2.43 -10.28 -13.60
C GLU B 67 -1.62 -10.43 -14.90
N LEU B 68 -1.31 -9.35 -15.58
CA LEU B 68 -0.57 -9.35 -16.87
C LEU B 68 0.95 -9.23 -16.61
N LEU B 69 1.40 -8.30 -15.82
CA LEU B 69 2.85 -8.16 -15.62
C LEU B 69 3.10 -7.37 -14.34
N ARG B 70 4.34 -7.36 -13.88
CA ARG B 70 4.70 -6.69 -12.61
CA ARG B 70 4.73 -6.73 -12.60
C ARG B 70 5.87 -5.76 -12.89
N LEU B 71 5.60 -4.46 -12.87
CA LEU B 71 6.61 -3.43 -13.11
C LEU B 71 7.38 -3.27 -11.80
N HIS B 72 8.65 -2.92 -11.87
CA HIS B 72 9.48 -2.68 -10.67
C HIS B 72 10.54 -1.64 -10.96
N ALA B 73 10.70 -0.65 -10.10
CA ALA B 73 11.83 0.31 -10.10
C ALA B 73 12.49 0.28 -8.72
N THR B 74 13.80 0.39 -8.69
CA THR B 74 14.59 0.60 -7.45
C THR B 74 14.88 2.10 -7.27
N GLN B 75 15.23 2.45 -6.03
CA GLN B 75 15.59 3.82 -5.61
C GLN B 75 16.72 3.68 -4.61
N SER B 76 17.91 4.20 -4.90
CA SER B 76 19.17 4.01 -4.12
C SER B 76 19.07 4.56 -2.70
N GLU B 77 18.07 5.38 -2.37
CA GLU B 77 17.92 5.93 -1.00
C GLU B 77 16.75 5.25 -0.29
N GLY B 78 16.13 4.22 -0.90
CA GLY B 78 15.00 3.48 -0.30
C GLY B 78 13.73 4.29 -0.27
N SER B 79 13.63 5.36 -1.07
CA SER B 79 12.38 6.16 -1.14
C SER B 79 11.29 5.31 -1.79
N ALA B 80 10.08 5.28 -1.23
CA ALA B 80 8.93 4.50 -1.74
C ALA B 80 8.60 4.99 -3.16
N ILE B 81 8.12 4.08 -3.98
CA ILE B 81 7.81 4.29 -5.41
C ILE B 81 6.31 4.19 -5.61
N THR B 82 5.73 5.12 -6.34
CA THR B 82 4.37 5.08 -6.88
C THR B 82 4.45 4.77 -8.39
N TYR B 83 3.68 3.84 -8.89
CA TYR B 83 3.58 3.47 -10.33
C TYR B 83 2.28 4.02 -10.88
N ALA B 84 2.35 4.68 -12.06
CA ALA B 84 1.15 5.21 -12.72
C ALA B 84 1.28 5.05 -14.25
N ILE B 85 0.15 4.79 -14.86
CA ILE B 85 0.04 4.81 -16.33
C ILE B 85 0.00 6.28 -16.72
N ASP B 86 0.84 6.69 -17.68
CA ASP B 86 0.77 8.07 -18.25
C ASP B 86 -0.29 7.99 -19.34
N TRP B 87 -1.50 8.39 -19.02
CA TRP B 87 -2.65 8.26 -19.95
C TRP B 87 -2.44 9.10 -21.23
N ASP B 88 -1.57 10.11 -21.17
CA ASP B 88 -1.25 11.02 -22.31
C ASP B 88 -0.40 10.23 -23.34
N THR B 89 0.15 9.05 -22.99
CA THR B 89 1.01 8.22 -23.89
C THR B 89 0.23 7.05 -24.45
N MET B 90 -1.04 6.88 -24.13
CA MET B 90 -1.75 5.64 -24.51
C MET B 90 -2.04 5.72 -26.01
N VAL B 91 -1.47 4.82 -26.80
CA VAL B 91 -1.74 4.72 -28.27
C VAL B 91 -2.25 3.31 -28.57
N VAL B 92 -3.39 3.20 -29.25
CA VAL B 92 -4.12 1.91 -29.40
C VAL B 92 -4.60 1.70 -30.83
N ASP B 93 -4.65 0.45 -31.23
CA ASP B 93 -5.38 0.01 -32.43
C ASP B 93 -6.76 0.69 -32.47
N PRO B 94 -7.24 1.13 -33.65
CA PRO B 94 -8.57 1.76 -33.73
C PRO B 94 -9.68 0.89 -33.12
N SER B 95 -9.61 -0.42 -33.29
CA SER B 95 -10.56 -1.43 -32.75
C SER B 95 -10.63 -1.37 -31.21
N LEU B 96 -9.66 -0.75 -30.52
CA LEU B 96 -9.57 -0.75 -29.04
C LEU B 96 -9.97 0.63 -28.50
N GLU B 97 -10.36 1.55 -29.37
CA GLU B 97 -10.70 2.94 -28.94
C GLU B 97 -11.68 2.93 -27.74
N ALA B 98 -12.65 2.01 -27.71
CA ALA B 98 -13.73 1.97 -26.67
C ALA B 98 -13.12 1.64 -25.30
N VAL B 99 -12.00 0.92 -25.27
CA VAL B 99 -11.39 0.45 -23.99
C VAL B 99 -10.04 1.14 -23.76
N ARG B 100 -9.77 2.24 -24.48
CA ARG B 100 -8.48 2.95 -24.44
C ARG B 100 -8.12 3.32 -23.00
N GLN B 101 -9.10 3.75 -22.21
CA GLN B 101 -8.82 4.26 -20.84
C GLN B 101 -9.34 3.30 -19.77
N SER B 102 -9.95 2.16 -20.11
CA SER B 102 -10.49 1.23 -19.07
C SER B 102 -9.85 -0.16 -19.13
N ALA B 103 -9.00 -0.44 -20.13
CA ALA B 103 -8.48 -1.81 -20.41
C ALA B 103 -7.66 -2.35 -19.24
N PHE B 104 -6.95 -1.50 -18.51
CA PHE B 104 -6.02 -1.98 -17.46
C PHE B 104 -6.19 -1.18 -16.18
N VAL B 105 -5.78 -1.78 -15.06
CA VAL B 105 -5.46 -1.01 -13.85
C VAL B 105 -4.01 -1.31 -13.47
N LEU B 106 -3.30 -0.29 -13.04
CA LEU B 106 -1.95 -0.46 -12.49
C LEU B 106 -1.98 -0.16 -11.01
N ASN B 107 -1.65 -1.13 -10.17
CA ASN B 107 -1.59 -0.90 -8.73
C ASN B 107 -0.37 -0.03 -8.44
N ALA B 108 -0.63 1.12 -7.82
CA ALA B 108 0.37 2.18 -7.63
C ALA B 108 1.49 1.72 -6.74
N GLN B 109 1.24 0.81 -5.76
CA GLN B 109 2.29 0.31 -4.84
CA GLN B 109 2.31 0.33 -4.84
C GLN B 109 2.96 -0.96 -5.37
N THR B 110 2.19 -1.91 -5.89
CA THR B 110 2.74 -3.23 -6.30
C THR B 110 3.36 -3.23 -7.70
N GLY B 111 2.95 -2.33 -8.56
CA GLY B 111 3.41 -2.29 -9.96
C GLY B 111 2.75 -3.40 -10.76
N VAL B 112 1.75 -4.07 -10.19
CA VAL B 112 0.99 -5.10 -10.90
C VAL B 112 -0.06 -4.48 -11.82
N LEU B 113 0.04 -4.85 -13.12
CA LEU B 113 -0.88 -4.40 -14.14
C LEU B 113 -1.91 -5.53 -14.28
N THR B 114 -3.20 -5.17 -14.15
CA THR B 114 -4.34 -6.13 -14.29
C THR B 114 -5.21 -5.80 -15.47
N LEU B 115 -5.75 -6.83 -16.08
CA LEU B 115 -6.78 -6.69 -17.13
C LEU B 115 -8.07 -6.22 -16.47
N ASN B 116 -8.68 -5.18 -17.02
CA ASN B 116 -9.91 -4.59 -16.44
C ASN B 116 -11.12 -4.73 -17.37
N ILE B 117 -11.00 -5.37 -18.52
CA ILE B 117 -12.11 -5.57 -19.52
C ILE B 117 -12.12 -7.03 -19.92
N GLN B 118 -13.25 -7.47 -20.47
CA GLN B 118 -13.38 -8.83 -21.05
C GLN B 118 -13.02 -8.68 -22.51
N PRO B 119 -11.85 -9.14 -23.00
CA PRO B 119 -11.51 -8.92 -24.40
C PRO B 119 -12.58 -9.62 -25.27
N THR B 120 -12.94 -9.01 -26.41
CA THR B 120 -13.95 -9.56 -27.36
C THR B 120 -13.29 -9.91 -28.70
N ALA B 121 -14.00 -10.70 -29.53
CA ALA B 121 -13.40 -11.21 -30.79
C ALA B 121 -13.27 -10.06 -31.80
N THR B 122 -13.79 -8.87 -31.53
CA THR B 122 -13.71 -7.69 -32.45
C THR B 122 -12.53 -6.77 -32.07
N MET B 123 -11.76 -7.13 -31.05
CA MET B 123 -10.60 -6.34 -30.59
C MET B 123 -9.31 -6.89 -31.21
N HIS B 124 -8.56 -6.01 -31.86
CA HIS B 124 -7.34 -6.31 -32.63
C HIS B 124 -6.14 -5.46 -32.20
N GLY B 125 -4.94 -5.96 -32.46
CA GLY B 125 -3.76 -5.08 -32.52
C GLY B 125 -3.16 -4.86 -31.15
N LEU B 126 -2.61 -3.66 -30.91
CA LEU B 126 -1.71 -3.39 -29.76
C LEU B 126 -2.24 -2.23 -28.92
N PHE B 127 -1.91 -2.26 -27.62
CA PHE B 127 -1.85 -1.06 -26.76
C PHE B 127 -0.38 -0.71 -26.52
N LYS B 128 -0.01 0.55 -26.61
CA LYS B 128 1.34 1.00 -26.21
C LYS B 128 1.18 2.17 -25.27
N PHE B 129 1.94 2.17 -24.19
CA PHE B 129 1.82 3.29 -23.22
C PHE B 129 3.08 3.34 -22.40
N GLU B 130 3.24 4.46 -21.72
CA GLU B 130 4.38 4.68 -20.78
C GLU B 130 3.86 4.59 -19.36
N VAL B 131 4.71 4.14 -18.49
CA VAL B 131 4.40 4.03 -17.04
C VAL B 131 5.49 4.80 -16.31
N THR B 132 5.10 5.56 -15.30
CA THR B 132 6.03 6.34 -14.47
C THR B 132 6.20 5.65 -13.15
N ALA B 133 7.40 5.68 -12.67
CA ALA B 133 7.74 5.39 -11.27
C ALA B 133 8.17 6.71 -10.62
N THR B 134 7.48 7.15 -9.58
CA THR B 134 7.75 8.45 -8.90
C THR B 134 8.12 8.18 -7.46
N ASP B 135 9.20 8.77 -6.95
CA ASP B 135 9.61 8.58 -5.55
C ASP B 135 8.93 9.72 -4.71
N THR B 136 9.07 9.69 -3.38
CA THR B 136 8.48 10.71 -2.48
C THR B 136 9.01 12.11 -2.79
N ALA B 137 10.24 12.25 -3.32
CA ALA B 137 10.77 13.58 -3.70
C ALA B 137 10.22 14.05 -5.05
N GLY B 138 9.43 13.25 -5.77
CA GLY B 138 8.81 13.68 -7.05
C GLY B 138 9.66 13.35 -8.29
N ALA B 139 10.84 12.73 -8.12
CA ALA B 139 11.71 12.33 -9.23
C ALA B 139 11.04 11.13 -9.92
N GLN B 140 11.20 11.01 -11.25
CA GLN B 140 10.51 9.97 -12.04
C GLN B 140 11.49 9.15 -12.87
N ASP B 141 11.13 7.90 -13.10
CA ASP B 141 11.60 7.13 -14.28
C ASP B 141 10.37 6.73 -15.10
N ARG B 142 10.65 6.36 -16.35
CA ARG B 142 9.64 5.94 -17.33
C ARG B 142 10.05 4.58 -17.92
N THR B 143 9.06 3.79 -18.29
CA THR B 143 9.27 2.54 -19.05
C THR B 143 8.17 2.45 -20.07
N ASP B 144 8.36 1.63 -21.09
CA ASP B 144 7.34 1.42 -22.14
C ASP B 144 6.65 0.08 -21.84
N VAL B 145 5.38 0.01 -22.15
CA VAL B 145 4.57 -1.22 -22.02
C VAL B 145 3.92 -1.43 -23.37
N THR B 146 4.01 -2.65 -23.88
CA THR B 146 3.19 -3.10 -25.00
C THR B 146 2.30 -4.23 -24.53
N VAL B 147 1.01 -4.13 -24.81
CA VAL B 147 0.09 -5.24 -24.63
C VAL B 147 -0.53 -5.59 -26.01
N TYR B 148 -0.31 -6.83 -26.42
CA TYR B 148 -0.78 -7.41 -27.68
C TYR B 148 -2.15 -8.01 -27.40
N VAL B 149 -3.09 -7.77 -28.32
CA VAL B 149 -4.29 -8.62 -28.32
C VAL B 149 -4.00 -9.86 -29.12
N VAL B 150 -3.88 -10.99 -28.44
CA VAL B 150 -3.42 -12.26 -29.05
C VAL B 150 -4.60 -12.91 -29.77
N SER B 151 -4.36 -13.36 -30.98
CA SER B 151 -5.32 -14.18 -31.74
C SER B 151 -5.69 -15.43 -30.93
N SER B 152 -6.99 -15.71 -30.87
CA SER B 152 -7.61 -16.87 -30.19
C SER B 152 -8.85 -17.36 -30.96
N GLN B 153 -9.46 -18.45 -30.50
CA GLN B 153 -10.75 -19.01 -30.98
C GLN B 153 -10.46 -19.96 -32.14
N ASP C 44 5.64 1.41 24.61
CA ASP C 44 6.10 0.00 24.36
C ASP C 44 5.67 -0.45 22.96
N PRO C 45 6.51 -1.20 22.21
CA PRO C 45 6.37 -1.34 20.76
C PRO C 45 5.30 -2.39 20.36
N ARG C 46 4.08 -1.92 20.22
CA ARG C 46 2.93 -2.69 19.72
C ARG C 46 2.03 -1.71 18.98
N PRO C 47 1.26 -2.18 17.99
CA PRO C 47 0.22 -1.34 17.43
C PRO C 47 -0.77 -0.95 18.56
N VAL C 48 -1.24 0.31 18.53
CA VAL C 48 -2.26 0.86 19.46
C VAL C 48 -3.36 1.52 18.64
N PHE C 49 -4.54 0.90 18.60
CA PHE C 49 -5.72 1.47 17.90
C PHE C 49 -6.07 2.79 18.55
N VAL C 50 -6.42 3.81 17.77
CA VAL C 50 -6.88 5.13 18.25
C VAL C 50 -8.19 4.93 19.02
N ARG C 51 -9.10 4.02 18.65
CA ARG C 51 -10.39 3.80 19.37
C ARG C 51 -10.59 2.32 19.67
N GLU C 52 -11.29 2.02 20.76
CA GLU C 52 -11.64 0.63 21.16
CA GLU C 52 -11.71 0.68 21.23
C GLU C 52 -12.95 0.19 20.46
N LEU C 53 -13.73 1.11 19.92
CA LEU C 53 -14.97 0.76 19.20
C LEU C 53 -15.16 1.71 18.01
N TYR C 54 -15.47 1.15 16.83
CA TYR C 54 -15.81 1.94 15.61
C TYR C 54 -17.22 1.47 15.24
N THR C 55 -18.04 2.37 14.83
CA THR C 55 -19.46 2.08 14.49
C THR C 55 -19.82 2.80 13.21
N ALA C 56 -20.75 2.21 12.45
CA ALA C 56 -21.27 2.87 11.24
C ALA C 56 -22.65 2.27 10.96
N GLY C 57 -23.44 3.00 10.19
CA GLY C 57 -24.79 2.53 9.80
C GLY C 57 -24.87 2.42 8.29
N ILE C 58 -25.52 1.36 7.82
CA ILE C 58 -25.72 1.14 6.35
C ILE C 58 -27.22 1.01 6.14
N SER C 59 -27.68 1.33 4.94
CA SER C 59 -29.13 1.21 4.56
C SER C 59 -29.24 0.92 3.06
N THR C 60 -30.48 0.67 2.61
CA THR C 60 -30.82 0.45 1.20
C THR C 60 -30.46 1.72 0.38
N ALA C 61 -30.28 2.90 0.98
CA ALA C 61 -29.84 4.09 0.20
C ALA C 61 -28.38 3.96 -0.22
N ASP C 62 -27.60 3.03 0.32
CA ASP C 62 -26.14 3.03 0.05
C ASP C 62 -25.87 2.27 -1.24
N SER C 63 -24.70 2.56 -1.81
CA SER C 63 -24.13 1.86 -2.98
C SER C 63 -22.83 1.14 -2.58
N ILE C 64 -22.53 0.04 -3.29
CA ILE C 64 -21.23 -0.65 -3.12
C ILE C 64 -20.12 0.39 -3.22
N GLY C 65 -19.09 0.28 -2.38
CA GLY C 65 -17.93 1.16 -2.44
C GLY C 65 -17.96 2.23 -1.38
N ARG C 66 -19.14 2.52 -0.79
CA ARG C 66 -19.26 3.57 0.26
C ARG C 66 -18.16 3.32 1.30
N GLU C 67 -17.36 4.29 1.64
CA GLU C 67 -16.45 4.23 2.78
C GLU C 67 -17.28 4.38 4.05
N LEU C 68 -17.27 3.39 4.92
CA LEU C 68 -18.01 3.39 6.22
C LEU C 68 -17.12 3.97 7.32
N LEU C 69 -15.87 3.56 7.42
CA LEU C 69 -15.07 4.12 8.52
C LEU C 69 -13.61 3.90 8.23
N ARG C 70 -12.76 4.60 8.98
CA ARG C 70 -11.29 4.61 8.76
C ARG C 70 -10.64 4.17 10.06
N LEU C 71 -10.16 2.95 10.12
CA LEU C 71 -9.53 2.37 11.33
C LEU C 71 -8.10 2.91 11.30
N HIS C 72 -7.53 3.17 12.46
CA HIS C 72 -6.14 3.69 12.54
C HIS C 72 -5.51 3.18 13.81
N ALA C 73 -4.30 2.65 13.71
CA ALA C 73 -3.44 2.31 14.86
C ALA C 73 -2.09 3.00 14.67
N THR C 74 -1.50 3.48 15.75
CA THR C 74 -0.12 4.02 15.77
C THR C 74 0.84 2.94 16.28
N GLN C 75 2.12 3.11 15.99
CA GLN C 75 3.22 2.19 16.35
C GLN C 75 4.40 3.09 16.69
N SER C 76 4.82 3.10 17.95
CA SER C 76 5.80 4.08 18.52
C SER C 76 7.17 3.92 17.86
N GLU C 77 7.46 2.84 17.13
CA GLU C 77 8.77 2.67 16.46
C GLU C 77 8.63 2.89 14.95
N GLY C 78 7.45 3.30 14.47
CA GLY C 78 7.20 3.58 13.04
C GLY C 78 7.07 2.32 12.20
N SER C 79 6.89 1.15 12.81
CA SER C 79 6.67 -0.10 12.03
C SER C 79 5.32 0.00 11.30
N ALA C 80 5.29 -0.33 10.01
CA ALA C 80 4.09 -0.32 9.13
C ALA C 80 3.07 -1.30 9.72
N ILE C 81 1.78 -0.94 9.58
CA ILE C 81 0.63 -1.69 10.15
C ILE C 81 -0.19 -2.29 9.03
N THR C 82 -0.57 -3.55 9.18
CA THR C 82 -1.57 -4.27 8.38
C THR C 82 -2.87 -4.37 9.20
N TYR C 83 -4.00 -4.03 8.61
CA TYR C 83 -5.36 -4.14 9.23
C TYR C 83 -6.10 -5.31 8.62
N ALA C 84 -6.71 -6.16 9.45
CA ALA C 84 -7.46 -7.33 8.91
C ALA C 84 -8.70 -7.59 9.76
N ILE C 85 -9.77 -8.01 9.08
CA ILE C 85 -10.98 -8.45 9.76
C ILE C 85 -10.70 -9.85 10.33
N ASP C 86 -10.99 -10.08 11.60
CA ASP C 86 -10.98 -11.48 12.16
C ASP C 86 -12.33 -12.12 11.83
N TRP C 87 -12.36 -12.90 10.75
CA TRP C 87 -13.63 -13.50 10.25
C TRP C 87 -14.20 -14.52 11.26
N ASP C 88 -13.37 -15.00 12.17
CA ASP C 88 -13.80 -15.95 13.24
C ASP C 88 -14.70 -15.18 14.25
N THR C 89 -14.58 -13.82 14.39
CA THR C 89 -15.32 -12.98 15.36
C THR C 89 -16.59 -12.40 14.74
N MET C 90 -16.88 -12.69 13.47
CA MET C 90 -18.01 -12.06 12.78
C MET C 90 -19.29 -12.66 13.34
N VAL C 91 -20.12 -11.85 14.00
CA VAL C 91 -21.46 -12.28 14.46
C VAL C 91 -22.51 -11.36 13.82
N VAL C 92 -23.60 -11.94 13.31
CA VAL C 92 -24.56 -11.23 12.46
C VAL C 92 -25.99 -11.66 12.76
N ASP C 93 -26.91 -10.70 12.64
CA ASP C 93 -28.35 -10.97 12.55
C ASP C 93 -28.59 -12.12 11.57
N PRO C 94 -29.54 -13.05 11.86
CA PRO C 94 -29.81 -14.16 10.95
C PRO C 94 -30.07 -13.70 9.50
N SER C 95 -30.74 -12.55 9.31
CA SER C 95 -31.05 -11.97 7.97
C SER C 95 -29.78 -11.67 7.16
N LEU C 96 -28.61 -11.60 7.79
CA LEU C 96 -27.35 -11.17 7.20
C LEU C 96 -26.45 -12.37 6.96
N GLU C 97 -26.89 -13.57 7.33
CA GLU C 97 -26.03 -14.79 7.25
C GLU C 97 -25.44 -14.92 5.83
N ALA C 98 -26.22 -14.61 4.79
CA ALA C 98 -25.82 -14.82 3.37
C ALA C 98 -24.63 -13.91 3.02
N VAL C 99 -24.52 -12.74 3.67
CA VAL C 99 -23.49 -11.73 3.34
C VAL C 99 -22.46 -11.62 4.47
N ARG C 100 -22.43 -12.59 5.37
CA ARG C 100 -21.54 -12.62 6.56
C ARG C 100 -20.10 -12.47 6.13
N GLN C 101 -19.70 -13.05 5.00
CA GLN C 101 -18.27 -13.06 4.57
C GLN C 101 -18.00 -12.03 3.48
N SER C 102 -19.01 -11.41 2.87
CA SER C 102 -18.81 -10.54 1.68
C SER C 102 -19.25 -9.08 1.93
N ALA C 103 -19.80 -8.76 3.10
CA ALA C 103 -20.52 -7.48 3.34
C ALA C 103 -19.53 -6.30 3.31
N PHE C 104 -18.29 -6.53 3.71
CA PHE C 104 -17.31 -5.41 3.83
C PHE C 104 -16.01 -5.84 3.20
N VAL C 105 -15.23 -4.85 2.77
CA VAL C 105 -13.78 -5.07 2.56
C VAL C 105 -13.03 -4.08 3.45
N LEU C 106 -11.93 -4.53 4.01
CA LEU C 106 -11.04 -3.70 4.80
C LEU C 106 -9.72 -3.61 4.07
N ASN C 107 -9.34 -2.38 3.67
CA ASN C 107 -8.06 -2.18 3.03
C ASN C 107 -6.96 -2.36 4.08
N ALA C 108 -6.08 -3.31 3.85
CA ALA C 108 -5.05 -3.75 4.79
C ALA C 108 -4.07 -2.64 5.08
N GLN C 109 -3.82 -1.71 4.14
CA GLN C 109 -2.87 -0.59 4.38
C GLN C 109 -3.59 0.67 4.89
N THR C 110 -4.76 1.01 4.35
CA THR C 110 -5.42 2.30 4.68
C THR C 110 -6.30 2.20 5.93
N GLY C 111 -6.79 1.02 6.27
CA GLY C 111 -7.72 0.84 7.38
C GLY C 111 -9.10 1.30 7.00
N VAL C 112 -9.32 1.54 5.70
CA VAL C 112 -10.66 1.98 5.26
C VAL C 112 -11.57 0.76 5.06
N LEU C 113 -12.73 0.82 5.66
CA LEU C 113 -13.74 -0.22 5.62
C LEU C 113 -14.79 0.23 4.61
N THR C 114 -14.97 -0.55 3.54
CA THR C 114 -15.94 -0.24 2.47
C THR C 114 -17.09 -1.24 2.47
N LEU C 115 -18.25 -0.73 2.13
CA LEU C 115 -19.45 -1.57 1.93
C LEU C 115 -19.27 -2.29 0.63
N ASN C 116 -19.39 -3.62 0.69
CA ASN C 116 -19.09 -4.47 -0.50
C ASN C 116 -20.40 -5.14 -1.04
N ILE C 117 -21.55 -4.90 -0.46
CA ILE C 117 -22.87 -5.43 -0.90
C ILE C 117 -23.85 -4.28 -0.88
N GLN C 118 -24.93 -4.44 -1.64
CA GLN C 118 -26.06 -3.51 -1.69
C GLN C 118 -27.01 -3.92 -0.58
N PRO C 119 -27.19 -3.17 0.52
CA PRO C 119 -28.16 -3.55 1.53
C PRO C 119 -29.57 -3.59 0.90
N THR C 120 -30.36 -4.60 1.27
CA THR C 120 -31.73 -4.84 0.76
C THR C 120 -32.74 -4.72 1.89
N ALA C 121 -34.03 -4.61 1.53
CA ALA C 121 -35.16 -4.49 2.45
C ALA C 121 -35.29 -5.71 3.37
N THR C 122 -34.63 -6.85 3.10
CA THR C 122 -34.74 -8.08 3.94
C THR C 122 -33.59 -8.17 4.96
N MET C 123 -32.73 -7.15 5.00
CA MET C 123 -31.56 -7.14 5.91
C MET C 123 -31.91 -6.30 7.14
N HIS C 124 -31.72 -6.90 8.32
CA HIS C 124 -32.09 -6.36 9.63
C HIS C 124 -30.91 -6.50 10.60
N GLY C 125 -30.88 -5.64 11.63
CA GLY C 125 -30.06 -5.94 12.81
C GLY C 125 -28.63 -5.47 12.64
N LEU C 126 -27.66 -6.21 13.17
CA LEU C 126 -26.26 -5.74 13.36
C LEU C 126 -25.27 -6.72 12.75
N PHE C 127 -24.11 -6.20 12.38
CA PHE C 127 -22.84 -6.97 12.26
C PHE C 127 -21.94 -6.56 13.42
N LYS C 128 -21.31 -7.51 14.10
CA LYS C 128 -20.25 -7.21 15.08
C LYS C 128 -19.03 -8.04 14.76
N PHE C 129 -17.85 -7.43 14.83
CA PHE C 129 -16.62 -8.18 14.51
C PHE C 129 -15.44 -7.45 15.11
N GLU C 130 -14.30 -8.15 15.16
CA GLU C 130 -13.03 -7.57 15.62
C GLU C 130 -12.11 -7.37 14.40
N VAL C 131 -11.29 -6.34 14.49
CA VAL C 131 -10.25 -6.03 13.49
C VAL C 131 -8.90 -6.04 14.21
N THR C 132 -7.91 -6.64 13.59
CA THR C 132 -6.50 -6.65 14.11
C THR C 132 -5.68 -5.61 13.39
N ALA C 133 -4.73 -5.04 14.11
CA ALA C 133 -3.65 -4.25 13.53
C ALA C 133 -2.36 -5.01 13.87
N THR C 134 -1.56 -5.34 12.88
CA THR C 134 -0.33 -6.14 13.03
C THR C 134 0.84 -5.35 12.50
N ASP C 135 1.93 -5.25 13.24
CA ASP C 135 3.16 -4.57 12.77
C ASP C 135 4.02 -5.62 12.04
N THR C 136 5.12 -5.22 11.41
CA THR C 136 6.02 -6.15 10.68
C THR C 136 6.63 -7.16 11.65
N ALA C 137 6.79 -6.82 12.95
CA ALA C 137 7.33 -7.76 13.95
C ALA C 137 6.25 -8.73 14.43
N GLY C 138 5.00 -8.66 13.95
CA GLY C 138 3.94 -9.64 14.30
C GLY C 138 3.14 -9.27 15.56
N ALA C 139 3.49 -8.19 16.27
CA ALA C 139 2.72 -7.70 17.43
C ALA C 139 1.35 -7.16 16.96
N GLN C 140 0.29 -7.39 17.74
CA GLN C 140 -1.11 -7.07 17.36
C GLN C 140 -1.78 -6.16 18.38
N ASP C 141 -2.66 -5.28 17.87
CA ASP C 141 -3.79 -4.77 18.70
C ASP C 141 -5.10 -5.15 18.02
N ARG C 142 -6.18 -5.05 18.78
CA ARG C 142 -7.56 -5.41 18.37
CA ARG C 142 -7.56 -5.40 18.35
C ARG C 142 -8.51 -4.24 18.66
N THR C 143 -9.53 -4.08 17.86
CA THR C 143 -10.63 -3.14 18.12
C THR C 143 -11.93 -3.81 17.73
N ASP C 144 -13.04 -3.30 18.23
CA ASP C 144 -14.38 -3.84 17.93
C ASP C 144 -15.02 -2.93 16.88
N VAL C 145 -15.83 -3.53 16.02
CA VAL C 145 -16.60 -2.77 14.98
C VAL C 145 -18.04 -3.24 15.12
N THR C 146 -18.95 -2.30 15.11
CA THR C 146 -20.39 -2.57 14.98
C THR C 146 -20.91 -1.85 13.74
N VAL C 147 -21.59 -2.57 12.87
CA VAL C 147 -22.30 -1.99 11.74
C VAL C 147 -23.78 -2.31 11.87
N TYR C 148 -24.58 -1.28 12.02
CA TYR C 148 -26.04 -1.31 12.18
C TYR C 148 -26.63 -1.30 10.77
N VAL C 149 -27.61 -2.17 10.53
CA VAL C 149 -28.46 -1.97 9.34
C VAL C 149 -29.57 -1.01 9.75
N VAL C 150 -29.49 0.20 9.24
CA VAL C 150 -30.42 1.30 9.62
C VAL C 150 -31.76 1.11 8.88
N SER C 151 -32.84 1.25 9.59
CA SER C 151 -34.22 1.18 9.04
C SER C 151 -34.36 2.22 7.94
N SER C 152 -34.93 1.80 6.79
CA SER C 152 -35.21 2.69 5.63
C SER C 152 -36.63 2.40 5.06
N GLN C 153 -37.18 3.33 4.29
CA GLN C 153 -38.59 3.21 3.81
C GLN C 153 -38.70 2.09 2.74
N ASN C 154 -39.78 1.28 2.81
CA ASN C 154 -40.09 0.07 1.97
C ASN C 154 -40.50 0.50 0.55
N ASP D 44 -10.32 -23.93 -5.31
CA ASP D 44 -10.54 -23.36 -3.93
C ASP D 44 -9.70 -22.09 -3.75
N PRO D 45 -10.27 -20.88 -4.03
CA PRO D 45 -9.55 -19.60 -3.94
C PRO D 45 -8.82 -19.28 -2.64
N ARG D 46 -7.50 -19.26 -2.74
CA ARG D 46 -6.57 -18.99 -1.61
C ARG D 46 -5.23 -18.53 -2.19
N PRO D 47 -4.40 -17.83 -1.42
CA PRO D 47 -3.10 -17.42 -1.94
C PRO D 47 -2.26 -18.63 -2.37
N VAL D 48 -1.52 -18.46 -3.47
CA VAL D 48 -0.55 -19.44 -4.02
C VAL D 48 0.75 -18.72 -4.29
N PHE D 49 1.76 -19.03 -3.46
CA PHE D 49 3.11 -18.47 -3.65
C PHE D 49 3.65 -18.99 -5.00
N VAL D 50 4.33 -18.15 -5.75
CA VAL D 50 4.95 -18.48 -7.06
C VAL D 50 6.08 -19.49 -6.80
N ARG D 51 6.82 -19.46 -5.69
CA ARG D 51 7.90 -20.44 -5.39
C ARG D 51 7.69 -21.02 -3.98
N GLU D 52 8.13 -22.26 -3.75
CA GLU D 52 8.15 -22.90 -2.41
C GLU D 52 9.40 -22.49 -1.62
N LEU D 53 10.42 -21.95 -2.28
CA LEU D 53 11.66 -21.54 -1.55
C LEU D 53 12.21 -20.33 -2.27
N TYR D 54 12.58 -19.29 -1.50
CA TYR D 54 13.26 -18.09 -2.03
C TYR D 54 14.59 -18.07 -1.31
N THR D 55 15.63 -17.68 -1.99
CA THR D 55 17.00 -17.62 -1.37
C THR D 55 17.67 -16.33 -1.79
N ALA D 56 18.67 -15.92 -1.01
CA ALA D 56 19.44 -14.69 -1.29
C ALA D 56 20.71 -14.80 -0.47
N GLY D 57 21.72 -14.09 -0.90
CA GLY D 57 23.03 -14.05 -0.20
C GLY D 57 23.31 -12.62 0.23
N ILE D 58 23.85 -12.41 1.43
CA ILE D 58 24.24 -11.07 1.92
C ILE D 58 25.71 -11.17 2.31
N SER D 59 26.39 -10.05 2.32
CA SER D 59 27.82 -10.01 2.75
C SER D 59 28.14 -8.63 3.35
N THR D 60 29.37 -8.48 3.85
CA THR D 60 29.88 -7.19 4.36
C THR D 60 29.89 -6.14 3.24
N ALA D 61 29.84 -6.50 1.96
CA ALA D 61 29.76 -5.52 0.85
C ALA D 61 28.38 -4.87 0.80
N ASP D 62 27.36 -5.38 1.48
CA ASP D 62 26.00 -4.83 1.29
C ASP D 62 25.76 -3.68 2.28
N SER D 63 24.75 -2.88 1.99
CA SER D 63 24.29 -1.70 2.77
C SER D 63 22.84 -1.93 3.18
N ILE D 64 22.45 -1.35 4.32
CA ILE D 64 21.04 -1.32 4.76
C ILE D 64 20.19 -0.84 3.59
N GLY D 65 19.03 -1.42 3.38
CA GLY D 65 18.09 -1.00 2.31
C GLY D 65 18.15 -1.94 1.10
N ARG D 66 19.22 -2.70 0.93
CA ARG D 66 19.36 -3.59 -0.27
C ARG D 66 18.08 -4.45 -0.41
N GLU D 67 17.45 -4.48 -1.55
CA GLU D 67 16.35 -5.43 -1.85
C GLU D 67 16.96 -6.80 -2.07
N LEU D 68 16.61 -7.79 -1.26
CA LEU D 68 17.11 -9.17 -1.32
C LEU D 68 16.24 -10.01 -2.23
N LEU D 69 14.92 -9.92 -2.09
CA LEU D 69 14.08 -10.76 -2.98
C LEU D 69 12.68 -10.22 -2.92
N ARG D 70 11.84 -10.65 -3.85
CA ARG D 70 10.47 -10.06 -4.03
C ARG D 70 9.53 -11.24 -4.01
N LEU D 71 8.85 -11.47 -2.90
CA LEU D 71 7.96 -12.61 -2.68
C LEU D 71 6.66 -12.26 -3.39
N HIS D 72 5.97 -13.24 -3.95
CA HIS D 72 4.70 -13.01 -4.67
C HIS D 72 3.78 -14.21 -4.53
N ALA D 73 2.51 -13.94 -4.19
CA ALA D 73 1.44 -14.96 -4.24
C ALA D 73 0.32 -14.41 -5.11
N THR D 74 -0.27 -15.27 -5.94
CA THR D 74 -1.52 -14.96 -6.70
C THR D 74 -2.73 -15.48 -5.92
N GLN D 75 -3.89 -14.93 -6.25
CA GLN D 75 -5.19 -15.24 -5.65
C GLN D 75 -6.18 -15.16 -6.81
N SER D 76 -6.83 -16.28 -7.14
CA SER D 76 -7.67 -16.42 -8.39
C SER D 76 -8.92 -15.53 -8.32
N GLU D 77 -9.27 -14.93 -7.18
CA GLU D 77 -10.43 -14.01 -7.11
C GLU D 77 -9.97 -12.55 -7.01
N GLY D 78 -8.66 -12.30 -7.08
CA GLY D 78 -8.09 -10.94 -7.00
C GLY D 78 -8.15 -10.36 -5.60
N SER D 79 -8.35 -11.18 -4.57
CA SER D 79 -8.31 -10.68 -3.17
C SER D 79 -6.85 -10.24 -2.86
N ALA D 80 -6.70 -9.08 -2.22
CA ALA D 80 -5.40 -8.43 -1.90
C ALA D 80 -4.63 -9.38 -0.99
N ILE D 81 -3.30 -9.40 -1.12
CA ILE D 81 -2.44 -10.31 -0.31
C ILE D 81 -1.58 -9.45 0.63
N THR D 82 -1.46 -9.87 1.86
CA THR D 82 -0.54 -9.36 2.88
C THR D 82 0.56 -10.41 3.07
N TYR D 83 1.82 -9.98 3.09
CA TYR D 83 3.00 -10.85 3.29
C TYR D 83 3.58 -10.56 4.68
N ALA D 84 3.86 -11.60 5.45
CA ALA D 84 4.43 -11.42 6.81
C ALA D 84 5.46 -12.54 7.11
N ILE D 85 6.52 -12.18 7.77
CA ILE D 85 7.47 -13.13 8.30
C ILE D 85 6.80 -13.83 9.50
N ASP D 86 6.87 -15.14 9.56
CA ASP D 86 6.42 -15.91 10.76
C ASP D 86 7.61 -15.94 11.70
N TRP D 87 7.64 -15.01 12.66
CA TRP D 87 8.80 -14.88 13.57
C TRP D 87 9.01 -16.15 14.44
N ASP D 88 7.97 -16.97 14.59
CA ASP D 88 8.10 -18.29 15.30
C ASP D 88 9.00 -19.28 14.51
N THR D 89 9.27 -19.06 13.20
CA THR D 89 10.00 -20.00 12.33
C THR D 89 11.44 -19.57 12.13
N MET D 90 11.85 -18.45 12.71
CA MET D 90 13.18 -17.87 12.42
C MET D 90 14.23 -18.75 13.07
N VAL D 91 15.10 -19.37 12.30
CA VAL D 91 16.24 -20.18 12.80
C VAL D 91 17.54 -19.59 12.24
N VAL D 92 18.52 -19.31 13.09
CA VAL D 92 19.72 -18.56 12.67
C VAL D 92 20.98 -19.19 13.27
N ASP D 93 22.06 -19.10 12.54
CA ASP D 93 23.42 -19.33 13.07
C ASP D 93 23.57 -18.60 14.40
N PRO D 94 24.25 -19.19 15.40
CA PRO D 94 24.51 -18.51 16.67
C PRO D 94 25.08 -17.10 16.51
N SER D 95 25.95 -16.87 15.51
CA SER D 95 26.61 -15.56 15.28
C SER D 95 25.59 -14.48 14.91
N LEU D 96 24.36 -14.86 14.53
CA LEU D 96 23.31 -13.94 14.02
C LEU D 96 22.25 -13.73 15.10
N GLU D 97 22.38 -14.35 16.25
CA GLU D 97 21.24 -14.35 17.25
C GLU D 97 20.91 -12.90 17.63
N ALA D 98 21.89 -12.00 17.68
CA ALA D 98 21.69 -10.57 18.05
C ALA D 98 20.80 -9.86 17.03
N VAL D 99 20.81 -10.27 15.77
CA VAL D 99 20.05 -9.58 14.69
C VAL D 99 18.90 -10.49 14.19
N ARG D 100 18.54 -11.52 14.96
CA ARG D 100 17.51 -12.52 14.57
CA ARG D 100 17.53 -12.52 14.53
C ARG D 100 16.19 -11.83 14.26
N GLN D 101 15.85 -10.76 14.97
CA GLN D 101 14.53 -10.08 14.81
C GLN D 101 14.64 -8.81 13.96
N SER D 102 15.82 -8.31 13.64
CA SER D 102 15.98 -6.96 13.03
C SER D 102 16.70 -7.06 11.65
N ALA D 103 17.18 -8.24 11.24
CA ALA D 103 18.06 -8.42 10.04
C ALA D 103 17.32 -8.01 8.76
N PHE D 104 16.00 -8.19 8.73
CA PHE D 104 15.23 -8.00 7.49
C PHE D 104 13.96 -7.26 7.80
N VAL D 105 13.46 -6.55 6.80
CA VAL D 105 12.08 -6.04 6.85
C VAL D 105 11.39 -6.56 5.61
N LEU D 106 10.13 -6.96 5.75
CA LEU D 106 9.32 -7.49 4.65
C LEU D 106 8.16 -6.53 4.47
N ASN D 107 8.08 -5.87 3.31
CA ASN D 107 6.97 -4.99 3.00
C ASN D 107 5.71 -5.84 2.80
N ALA D 108 4.70 -5.61 3.64
CA ALA D 108 3.51 -6.44 3.70
C ALA D 108 2.71 -6.39 2.39
N GLN D 109 2.79 -5.33 1.60
CA GLN D 109 2.01 -5.12 0.36
C GLN D 109 2.85 -5.52 -0.85
N THR D 110 4.14 -5.17 -0.88
CA THR D 110 4.99 -5.38 -2.09
C THR D 110 5.61 -6.77 -2.09
N GLY D 111 5.80 -7.37 -0.90
CA GLY D 111 6.47 -8.65 -0.80
C GLY D 111 7.98 -8.47 -0.90
N VAL D 112 8.44 -7.24 -0.88
CA VAL D 112 9.92 -7.01 -1.01
C VAL D 112 10.59 -7.18 0.37
N LEU D 113 11.63 -8.01 0.41
CA LEU D 113 12.41 -8.31 1.60
C LEU D 113 13.68 -7.48 1.52
N THR D 114 13.89 -6.57 2.48
CA THR D 114 15.06 -5.67 2.49
C THR D 114 16.00 -6.02 3.61
N LEU D 115 17.26 -5.82 3.35
CA LEU D 115 18.30 -5.95 4.39
C LEU D 115 18.18 -4.76 5.31
N ASN D 116 18.07 -5.01 6.62
CA ASN D 116 17.79 -3.95 7.61
C ASN D 116 19.00 -3.76 8.57
N ILE D 117 20.08 -4.52 8.41
CA ILE D 117 21.33 -4.44 9.25
C ILE D 117 22.52 -4.47 8.30
N GLN D 118 23.67 -4.01 8.77
CA GLN D 118 24.95 -4.00 8.02
C GLN D 118 25.62 -5.31 8.34
N PRO D 119 25.73 -6.30 7.41
CA PRO D 119 26.43 -7.54 7.76
C PRO D 119 27.89 -7.17 8.16
N THR D 120 28.41 -7.85 9.18
CA THR D 120 29.78 -7.60 9.73
C THR D 120 30.64 -8.86 9.58
N ALA D 121 31.95 -8.74 9.84
CA ALA D 121 32.90 -9.86 9.67
C ALA D 121 32.66 -10.94 10.73
N THR D 122 31.84 -10.69 11.76
CA THR D 122 31.57 -11.69 12.84
C THR D 122 30.27 -12.48 12.56
N MET D 123 29.61 -12.19 11.45
CA MET D 123 28.33 -12.88 11.09
C MET D 123 28.65 -14.01 10.12
N HIS D 124 28.19 -15.21 10.45
CA HIS D 124 28.45 -16.47 9.71
C HIS D 124 27.12 -17.24 9.50
N GLY D 125 27.09 -18.08 8.49
CA GLY D 125 26.04 -19.11 8.41
C GLY D 125 24.78 -18.56 7.78
N LEU D 126 23.64 -19.09 8.21
CA LEU D 126 22.33 -18.99 7.51
C LEU D 126 21.27 -18.37 8.41
N PHE D 127 20.30 -17.69 7.79
CA PHE D 127 18.97 -17.42 8.37
C PHE D 127 17.95 -18.28 7.61
N LYS D 128 17.07 -18.98 8.29
CA LYS D 128 15.96 -19.68 7.62
C LYS D 128 14.66 -19.30 8.29
N PHE D 129 13.62 -19.08 7.50
CA PHE D 129 12.33 -18.66 8.09
C PHE D 129 11.21 -18.90 7.09
N GLU D 130 9.99 -18.84 7.58
CA GLU D 130 8.78 -18.97 6.77
C GLU D 130 8.13 -17.62 6.62
N VAL D 131 7.47 -17.43 5.48
CA VAL D 131 6.70 -16.23 5.19
C VAL D 131 5.28 -16.67 4.85
N THR D 132 4.30 -15.95 5.33
CA THR D 132 2.87 -16.20 5.01
C THR D 132 2.36 -15.18 4.04
N ALA D 133 1.43 -15.62 3.20
CA ALA D 133 0.64 -14.75 2.32
C ALA D 133 -0.82 -14.96 2.71
N THR D 134 -1.49 -13.90 3.13
CA THR D 134 -2.86 -13.97 3.65
C THR D 134 -3.73 -13.08 2.79
N ASP D 135 -4.87 -13.59 2.32
CA ASP D 135 -5.85 -12.80 1.57
C ASP D 135 -6.80 -12.12 2.59
N THR D 136 -7.66 -11.22 2.11
CA THR D 136 -8.63 -10.48 2.97
C THR D 136 -9.59 -11.44 3.67
N ALA D 137 -9.89 -12.62 3.11
CA ALA D 137 -10.75 -13.62 3.78
C ALA D 137 -9.97 -14.42 4.83
N GLY D 138 -8.65 -14.26 4.98
CA GLY D 138 -7.92 -14.96 6.04
C GLY D 138 -7.25 -16.24 5.57
N ALA D 139 -7.49 -16.69 4.34
CA ALA D 139 -6.82 -17.88 3.78
C ALA D 139 -5.31 -17.60 3.58
N GLN D 140 -4.47 -18.60 3.83
CA GLN D 140 -3.00 -18.43 3.89
C GLN D 140 -2.30 -19.44 2.99
N ASP D 141 -1.13 -19.01 2.48
CA ASP D 141 -0.13 -19.95 1.95
C ASP D 141 1.16 -19.57 2.67
N ARG D 142 2.12 -20.50 2.62
CA ARG D 142 3.43 -20.36 3.32
CA ARG D 142 3.43 -20.28 3.30
C ARG D 142 4.53 -20.69 2.32
N THR D 143 5.68 -20.05 2.45
CA THR D 143 6.86 -20.38 1.66
C THR D 143 8.07 -20.33 2.58
N ASP D 144 9.17 -20.92 2.15
CA ASP D 144 10.42 -20.92 2.95
C ASP D 144 11.36 -19.89 2.38
N VAL D 145 12.23 -19.29 3.23
CA VAL D 145 13.24 -18.32 2.78
C VAL D 145 14.53 -18.75 3.43
N THR D 146 15.60 -18.77 2.66
CA THR D 146 16.97 -18.95 3.21
C THR D 146 17.78 -17.73 2.80
N VAL D 147 18.52 -17.15 3.76
CA VAL D 147 19.48 -16.08 3.47
C VAL D 147 20.84 -16.56 4.00
N TYR D 148 21.78 -16.69 3.06
CA TYR D 148 23.18 -17.13 3.29
C TYR D 148 23.97 -15.86 3.63
N VAL D 149 24.80 -15.93 4.66
CA VAL D 149 25.83 -14.90 4.84
C VAL D 149 27.07 -15.32 4.07
N VAL D 150 27.31 -14.65 2.96
CA VAL D 150 28.31 -15.06 1.95
C VAL D 150 29.68 -14.53 2.41
N SER D 151 30.66 -15.40 2.35
CA SER D 151 32.07 -15.10 2.69
C SER D 151 32.55 -13.97 1.80
N SER D 152 33.24 -12.98 2.40
CA SER D 152 34.00 -11.92 1.66
C SER D 152 35.36 -11.61 2.35
N GLN D 153 36.27 -10.98 1.61
CA GLN D 153 37.46 -10.26 2.18
C GLN D 153 38.35 -9.88 0.98
MG MG E . -10.40 21.15 -6.42
MG MG F . 15.66 6.37 -17.34
MG MG G . -5.65 -3.26 22.89
MG MG H . 1.11 -24.38 0.67
#